data_6JL7
#
_entry.id   6JL7
#
_cell.length_a   151.736
_cell.length_b   151.736
_cell.length_c   38.604
_cell.angle_alpha   90.000
_cell.angle_beta   90.000
_cell.angle_gamma   120.000
#
_symmetry.space_group_name_H-M   'P 65'
#
loop_
_entity.id
_entity.type
_entity.pdbx_description
1 polymer 'TBC1 domain family member 23'
2 water water
#
_entity_poly.entity_id   1
_entity_poly.type   'polypeptide(L)'
_entity_poly.pdbx_seq_one_letter_code
;GWEKDLEEALEAGGCDLETLRNIIQGRPLPADLRAKVWKIALNVAGKGDSLASWDGILDLPEQNTIHKDCLQFIDQLSVP
EEKAAELLLDIESVITFYCKSRNIKYSTSLSWIHLLKPLVHLQLPRSDLYNCFYAI(MSE)NKYIPRDCSQKGRPFHLFR
LLIQYHEPELCSYLDTKKITPDSYALNWLGSLFACYCSTEVTQAIWDGYLQQADPFFIYFL(MSE)LIILVNAKEVILTQ
ESDSKEEVIKFLENTPSSLNIEDIEDLFSLAQYYCSKTPASFRKDNHHLFGSTLLGIKDDDADLSQALCLAISVSEILQA
NQLQGEGVRFFVVDCRPAEQYNAGHLSTAFHLDSDL(MSE)LQNPSEFAQSVKSLLEAQKQSIESGSIAGGEHLCF
(MSE)GSGREEED(MSE)Y(MSE)N(MSE)VLAHFLQKNKEYVSIASGGF(MSE)ALQQHLADINVDGPENGYGHWIAST
;
_entity_poly.pdbx_strand_id   A
#
# COMPACT_ATOMS: atom_id res chain seq x y z
N GLY A 1 22.37 22.26 15.16
CA GLY A 1 21.38 22.70 16.19
C GLY A 1 20.51 21.54 16.68
N TRP A 2 19.85 20.88 15.72
CA TRP A 2 18.94 19.76 16.00
C TRP A 2 19.73 18.46 16.23
N GLU A 3 20.96 18.42 15.70
CA GLU A 3 21.80 17.23 15.72
C GLU A 3 22.30 16.96 17.15
N LYS A 4 22.71 18.02 17.85
CA LYS A 4 23.16 17.92 19.25
C LYS A 4 21.99 17.51 20.15
N ASP A 5 20.79 18.01 19.83
CA ASP A 5 19.56 17.66 20.55
C ASP A 5 19.27 16.16 20.35
N LEU A 6 19.46 15.69 19.12
CA LEU A 6 19.29 14.29 18.74
C LEU A 6 20.30 13.42 19.49
N GLU A 7 21.56 13.87 19.56
CA GLU A 7 22.66 13.16 20.22
C GLU A 7 22.29 12.84 21.67
N GLU A 8 21.85 13.86 22.41
CA GLU A 8 21.55 13.76 23.84
C GLU A 8 20.23 13.01 24.06
N ALA A 9 19.26 13.25 23.17
CA ALA A 9 17.93 12.64 23.26
C ALA A 9 18.01 11.11 23.08
N LEU A 10 18.90 10.66 22.19
CA LEU A 10 19.11 9.24 21.91
C LEU A 10 19.83 8.55 23.08
N GLU A 11 20.75 9.29 23.71
CA GLU A 11 21.66 8.74 24.74
C GLU A 11 20.84 8.15 25.90
N ALA A 12 20.02 8.99 26.54
CA ALA A 12 19.25 8.62 27.73
C ALA A 12 17.78 8.99 27.55
N GLY A 13 16.93 8.43 28.43
CA GLY A 13 15.50 8.71 28.45
C GLY A 13 14.68 7.50 28.04
N GLY A 14 15.08 6.87 26.93
CA GLY A 14 14.32 5.80 26.30
C GLY A 14 13.06 6.34 25.64
N CYS A 15 13.25 7.39 24.82
CA CYS A 15 12.17 8.13 24.20
C CYS A 15 11.54 7.31 23.06
N ASP A 16 10.34 7.74 22.64
CA ASP A 16 9.59 7.09 21.56
C ASP A 16 10.02 7.69 20.21
N LEU A 17 9.56 7.05 19.13
CA LEU A 17 9.81 7.47 17.75
C LEU A 17 9.17 8.85 17.50
N GLU A 18 8.00 9.07 18.11
CA GLU A 18 7.17 10.26 17.88
C GLU A 18 7.94 11.54 18.23
N THR A 19 8.61 11.54 19.39
CA THR A 19 9.39 12.69 19.87
C THR A 19 10.65 12.87 19.03
N LEU A 20 11.30 11.74 18.69
CA LEU A 20 12.50 11.71 17.85
C LEU A 20 12.21 12.34 16.48
N ARG A 21 11.01 12.06 15.95
CA ARG A 21 10.57 12.53 14.63
C ARG A 21 10.47 14.06 14.62
N ASN A 22 10.04 14.64 15.75
CA ASN A 22 9.84 16.09 15.88
C ASN A 22 11.17 16.85 15.82
N ILE A 23 12.26 16.17 16.21
CA ILE A 23 13.60 16.76 16.25
C ILE A 23 14.17 16.81 14.82
N ILE A 24 14.04 15.71 14.09
CA ILE A 24 14.68 15.51 12.79
C ILE A 24 13.98 16.39 11.74
N GLN A 25 12.65 16.28 11.66
CA GLN A 25 11.80 17.04 10.72
C GLN A 25 12.23 16.79 9.28
N GLY A 26 12.49 15.50 8.96
CA GLY A 26 12.80 15.07 7.60
C GLY A 26 14.14 15.57 7.09
N ARG A 27 15.06 15.85 8.02
CA ARG A 27 16.44 16.24 7.71
C ARG A 27 17.30 14.99 7.64
N PRO A 28 18.44 15.01 6.91
CA PRO A 28 19.28 13.82 6.76
C PRO A 28 19.89 13.35 8.09
N LEU A 29 19.83 12.04 8.34
CA LEU A 29 20.30 11.43 9.58
C LEU A 29 21.83 11.40 9.61
N PRO A 30 22.47 11.62 10.78
CA PRO A 30 23.90 11.34 10.93
C PRO A 30 24.18 9.83 10.83
N ALA A 31 25.31 9.47 10.21
CA ALA A 31 25.66 8.09 9.92
C ALA A 31 25.85 7.28 11.22
N ASP A 32 26.44 7.91 12.23
CA ASP A 32 26.79 7.26 13.49
C ASP A 32 25.55 7.09 14.38
N LEU A 33 24.51 7.90 14.15
CA LEU A 33 23.28 7.86 14.95
C LEU A 33 22.15 7.17 14.17
N ARG A 34 22.43 6.72 12.94
CA ARG A 34 21.42 6.11 12.07
C ARG A 34 20.94 4.78 12.67
N ALA A 35 21.86 4.01 13.24
CA ALA A 35 21.57 2.69 13.80
C ALA A 35 20.56 2.81 14.96
N LYS A 36 20.76 3.81 15.82
CA LYS A 36 19.94 4.00 17.01
C LYS A 36 18.52 4.43 16.62
N VAL A 37 18.40 5.36 15.67
CA VAL A 37 17.09 5.85 15.23
C VAL A 37 16.33 4.73 14.49
N TRP A 38 17.06 3.93 13.69
CA TRP A 38 16.50 2.76 13.01
C TRP A 38 16.00 1.73 14.05
N LYS A 39 16.83 1.50 15.08
CA LYS A 39 16.49 0.60 16.20
C LYS A 39 15.20 1.05 16.87
N ILE A 40 15.13 2.35 17.22
CA ILE A 40 13.98 2.96 17.89
C ILE A 40 12.76 2.88 16.96
N ALA A 41 12.98 3.11 15.66
CA ALA A 41 11.91 3.09 14.65
C ALA A 41 11.29 1.69 14.57
N LEU A 42 12.14 0.65 14.61
CA LEU A 42 11.70 -0.74 14.49
C LEU A 42 11.24 -1.29 15.85
N ASN A 43 11.39 -0.48 16.91
CA ASN A 43 10.94 -0.82 18.27
C ASN A 43 11.80 -1.96 18.81
N VAL A 44 13.12 -1.84 18.63
CA VAL A 44 14.11 -2.81 19.11
C VAL A 44 15.27 -2.02 19.75
N ALA A 45 15.01 -1.51 20.96
CA ALA A 45 15.99 -0.71 21.70
C ALA A 45 16.96 -1.62 22.46
N GLY A 46 16.40 -2.58 23.21
CA GLY A 46 17.19 -3.50 24.03
C GLY A 46 16.64 -4.92 23.99
N LYS A 47 16.22 -5.37 22.81
CA LYS A 47 15.74 -6.75 22.61
C LYS A 47 16.96 -7.69 22.66
N GLY A 48 16.75 -8.86 23.25
CA GLY A 48 17.81 -9.84 23.49
C GLY A 48 18.10 -10.68 22.24
N ASP A 49 19.31 -11.26 22.21
CA ASP A 49 19.75 -12.15 21.15
C ASP A 49 18.96 -13.47 21.25
N SER A 50 18.50 -13.98 20.11
CA SER A 50 17.75 -15.22 20.01
C SER A 50 18.62 -16.35 19.42
N LEU A 51 19.83 -15.99 18.97
CA LEU A 51 20.77 -16.93 18.35
C LEU A 51 21.55 -17.71 19.42
N ALA A 52 21.76 -17.10 20.59
CA ALA A 52 22.52 -17.70 21.69
C ALA A 52 21.77 -18.92 22.24
N SER A 53 20.44 -18.80 22.38
CA SER A 53 19.58 -19.87 22.90
C SER A 53 19.51 -21.03 21.90
N TRP A 54 19.59 -20.72 20.61
CA TRP A 54 19.51 -21.70 19.53
C TRP A 54 20.62 -22.75 19.66
N ASP A 55 21.87 -22.28 19.70
CA ASP A 55 23.05 -23.15 19.80
C ASP A 55 22.93 -24.28 18.78
N GLY A 56 22.94 -23.91 17.49
CA GLY A 56 22.78 -24.86 16.40
C GLY A 56 23.65 -24.51 15.21
N ILE A 57 24.06 -25.56 14.48
CA ILE A 57 24.83 -25.43 13.25
C ILE A 57 23.82 -25.33 12.10
N LEU A 58 24.26 -24.77 10.97
CA LEU A 58 23.41 -24.56 9.80
C LEU A 58 23.12 -25.91 9.11
N ASP A 59 21.94 -26.48 9.41
CA ASP A 59 21.46 -27.72 8.79
C ASP A 59 20.03 -27.50 8.30
N LEU A 60 19.81 -27.71 7.00
CA LEU A 60 18.52 -27.51 6.36
C LEU A 60 18.49 -28.26 5.03
N PRO A 61 17.31 -28.77 4.58
CA PRO A 61 17.22 -29.41 3.25
C PRO A 61 17.54 -28.47 2.07
N GLU A 62 17.31 -27.16 2.27
CA GLU A 62 17.58 -26.14 1.26
C GLU A 62 18.70 -25.21 1.76
N GLN A 63 19.71 -25.79 2.43
CA GLN A 63 20.82 -25.06 3.02
C GLN A 63 21.83 -24.67 1.94
N ASN A 64 21.99 -25.55 0.94
CA ASN A 64 22.95 -25.37 -0.15
C ASN A 64 22.58 -24.14 -0.97
N THR A 65 21.28 -23.97 -1.23
CA THR A 65 20.74 -22.87 -2.04
C THR A 65 20.88 -21.54 -1.30
N ILE A 66 20.84 -21.58 0.04
CA ILE A 66 21.00 -20.39 0.89
C ILE A 66 22.45 -19.90 0.81
N HIS A 67 23.40 -20.85 0.79
CA HIS A 67 24.84 -20.56 0.85
C HIS A 67 25.26 -19.71 -0.35
N LYS A 68 24.79 -20.09 -1.55
CA LYS A 68 25.15 -19.43 -2.81
C LYS A 68 24.70 -17.97 -2.81
N ASP A 69 23.44 -17.74 -2.41
CA ASP A 69 22.81 -16.41 -2.42
C ASP A 69 23.53 -15.48 -1.44
N CYS A 70 24.00 -16.03 -0.32
CA CYS A 70 24.72 -15.27 0.70
C CYS A 70 26.05 -14.74 0.14
N LEU A 71 26.77 -15.61 -0.59
CA LEU A 71 28.06 -15.28 -1.19
C LEU A 71 27.89 -14.19 -2.26
N GLN A 72 26.85 -14.34 -3.10
CA GLN A 72 26.54 -13.42 -4.19
C GLN A 72 26.51 -11.97 -3.68
N PHE A 73 25.87 -11.76 -2.53
CA PHE A 73 25.72 -10.43 -1.92
C PHE A 73 27.10 -9.86 -1.56
N ILE A 74 27.90 -10.64 -0.83
CA ILE A 74 29.21 -10.21 -0.32
C ILE A 74 30.18 -10.05 -1.49
N ASP A 75 30.06 -10.93 -2.50
CA ASP A 75 30.87 -10.88 -3.71
C ASP A 75 30.56 -9.60 -4.50
N GLN A 76 29.26 -9.24 -4.55
CA GLN A 76 28.79 -8.02 -5.22
C GLN A 76 29.34 -6.78 -4.53
N LEU A 77 29.26 -6.75 -3.19
CA LEU A 77 29.67 -5.59 -2.38
C LEU A 77 31.20 -5.46 -2.40
N SER A 78 31.89 -6.60 -2.25
CA SER A 78 33.35 -6.68 -2.23
C SER A 78 33.89 -5.86 -1.05
N VAL A 79 33.53 -6.28 0.16
CA VAL A 79 33.96 -5.66 1.42
C VAL A 79 35.42 -6.03 1.66
N PRO A 80 36.14 -5.33 2.59
CA PRO A 80 37.47 -5.78 3.03
C PRO A 80 37.42 -7.25 3.47
N GLU A 81 38.15 -8.11 2.75
CA GLU A 81 37.95 -9.56 2.80
C GLU A 81 38.60 -10.19 4.04
N GLU A 82 39.27 -9.37 4.87
CA GLU A 82 39.86 -9.83 6.13
C GLU A 82 38.75 -10.17 7.13
N LYS A 83 37.66 -9.39 7.13
CA LYS A 83 36.52 -9.60 8.03
C LYS A 83 35.22 -9.76 7.22
N ALA A 84 35.34 -10.39 6.05
CA ALA A 84 34.19 -10.67 5.18
C ALA A 84 33.49 -11.96 5.65
N ALA A 85 34.30 -12.93 6.09
CA ALA A 85 33.82 -14.23 6.57
C ALA A 85 32.84 -14.05 7.74
N GLU A 86 33.16 -13.10 8.63
CA GLU A 86 32.33 -12.80 9.81
C GLU A 86 30.89 -12.49 9.38
N LEU A 87 30.74 -11.64 8.35
CA LEU A 87 29.44 -11.20 7.87
C LEU A 87 28.67 -12.36 7.24
N LEU A 88 29.39 -13.22 6.49
CA LEU A 88 28.78 -14.37 5.81
C LEU A 88 28.14 -15.32 6.84
N LEU A 89 28.85 -15.55 7.95
CA LEU A 89 28.41 -16.46 9.00
C LEU A 89 27.14 -15.90 9.67
N ASP A 90 27.14 -14.59 9.94
CA ASP A 90 26.04 -13.90 10.60
C ASP A 90 24.79 -13.92 9.71
N ILE A 91 24.98 -13.62 8.42
CA ILE A 91 23.88 -13.56 7.44
C ILE A 91 23.23 -14.95 7.31
N GLU A 92 24.07 -15.97 7.08
CA GLU A 92 23.58 -17.32 6.79
C GLU A 92 22.90 -17.92 8.04
N SER A 93 23.40 -17.55 9.23
CA SER A 93 22.83 -17.99 10.51
C SER A 93 21.47 -17.33 10.74
N VAL A 94 21.34 -16.05 10.38
CA VAL A 94 20.12 -15.26 10.56
C VAL A 94 18.99 -15.87 9.73
N ILE A 95 19.28 -16.20 8.47
CA ILE A 95 18.29 -16.73 7.52
C ILE A 95 17.82 -18.11 8.00
N THR A 96 18.78 -18.96 8.40
CA THR A 96 18.50 -20.34 8.78
C THR A 96 17.66 -20.38 10.08
N PHE A 97 18.01 -19.52 11.05
CA PHE A 97 17.32 -19.46 12.33
C PHE A 97 15.89 -18.92 12.13
N TYR A 98 15.73 -17.98 11.18
CA TYR A 98 14.41 -17.46 10.81
C TYR A 98 13.59 -18.57 10.14
N CYS A 99 14.24 -19.36 9.27
CA CYS A 99 13.62 -20.48 8.56
C CYS A 99 13.24 -21.61 9.53
N LYS A 100 13.96 -21.71 10.66
CA LYS A 100 13.70 -22.71 11.69
C LYS A 100 12.61 -22.20 12.65
N SER A 101 12.81 -21.00 13.21
CA SER A 101 11.90 -20.41 14.19
C SER A 101 10.47 -20.36 13.64
N ARG A 102 10.34 -19.98 12.35
CA ARG A 102 9.09 -20.03 11.61
C ARG A 102 9.08 -21.29 10.74
N ASN A 103 7.89 -21.69 10.28
CA ASN A 103 7.70 -22.96 9.56
C ASN A 103 8.20 -22.84 8.11
N ILE A 104 8.16 -21.61 7.57
CA ILE A 104 8.40 -21.34 6.14
C ILE A 104 9.76 -21.89 5.70
N LYS A 105 9.82 -22.36 4.45
CA LYS A 105 11.00 -22.92 3.81
C LYS A 105 11.61 -21.87 2.87
N TYR A 106 12.93 -21.94 2.67
CA TYR A 106 13.66 -20.92 1.91
C TYR A 106 13.53 -21.18 0.40
N SER A 107 13.63 -20.09 -0.37
CA SER A 107 13.68 -20.10 -1.83
C SER A 107 14.49 -18.89 -2.31
N THR A 108 15.01 -18.97 -3.54
CA THR A 108 15.85 -17.92 -4.13
C THR A 108 14.99 -16.72 -4.51
N SER A 109 13.71 -16.97 -4.84
CA SER A 109 12.75 -15.96 -5.28
C SER A 109 12.38 -15.01 -4.13
N LEU A 110 12.68 -15.41 -2.89
CA LEU A 110 12.47 -14.56 -1.71
C LEU A 110 13.44 -13.38 -1.75
N SER A 111 13.01 -12.24 -1.21
CA SER A 111 13.75 -10.98 -1.24
C SER A 111 14.40 -10.71 0.12
N TRP A 112 14.81 -11.78 0.81
CA TRP A 112 15.30 -11.71 2.20
C TRP A 112 16.71 -11.13 2.23
N ILE A 113 17.53 -11.49 1.23
CA ILE A 113 18.94 -11.09 1.14
C ILE A 113 19.01 -9.57 1.01
N HIS A 114 18.10 -9.00 0.21
CA HIS A 114 18.11 -7.59 -0.16
C HIS A 114 17.74 -6.71 1.04
N LEU A 115 16.91 -7.25 1.95
CA LEU A 115 16.47 -6.53 3.15
C LEU A 115 17.65 -6.34 4.12
N LEU A 116 18.58 -7.30 4.11
CA LEU A 116 19.74 -7.30 5.02
C LEU A 116 20.79 -6.27 4.56
N LYS A 117 20.88 -6.05 3.25
CA LYS A 117 21.91 -5.21 2.63
C LYS A 117 22.06 -3.89 3.39
N PRO A 118 21.00 -3.05 3.52
CA PRO A 118 21.12 -1.77 4.21
C PRO A 118 21.41 -1.89 5.72
N LEU A 119 20.98 -3.00 6.33
CA LEU A 119 21.21 -3.28 7.75
C LEU A 119 22.69 -3.67 7.96
N VAL A 120 23.22 -4.46 7.02
CA VAL A 120 24.62 -4.90 7.04
C VAL A 120 25.55 -3.68 6.91
N HIS A 121 25.18 -2.73 6.06
CA HIS A 121 25.98 -1.53 5.80
C HIS A 121 26.16 -0.71 7.08
N LEU A 122 25.12 -0.65 7.92
CA LEU A 122 25.20 0.01 9.22
C LEU A 122 26.21 -0.73 10.12
N GLN A 123 26.29 -2.06 9.93
CA GLN A 123 27.31 -2.91 10.57
C GLN A 123 26.95 -3.07 12.06
N LEU A 124 25.87 -3.82 12.32
CA LEU A 124 25.40 -4.13 13.67
C LEU A 124 25.82 -5.55 14.04
N PRO A 125 25.77 -5.92 15.34
CA PRO A 125 25.96 -7.33 15.74
C PRO A 125 24.81 -8.23 15.27
N ARG A 126 25.06 -9.54 15.26
CA ARG A 126 24.13 -10.56 14.75
C ARG A 126 22.75 -10.43 15.41
N SER A 127 22.74 -10.10 16.71
CA SER A 127 21.52 -10.00 17.51
C SER A 127 20.59 -8.93 16.92
N ASP A 128 21.12 -7.70 16.77
CA ASP A 128 20.36 -6.55 16.31
C ASP A 128 20.01 -6.71 14.83
N LEU A 129 20.88 -7.39 14.07
CA LEU A 129 20.66 -7.66 12.65
C LEU A 129 19.40 -8.52 12.46
N TYR A 130 19.24 -9.53 13.33
CA TYR A 130 18.09 -10.43 13.29
C TYR A 130 16.83 -9.70 13.74
N ASN A 131 16.94 -8.98 14.86
CA ASN A 131 15.81 -8.27 15.47
C ASN A 131 15.23 -7.25 14.48
N CYS A 132 16.12 -6.52 13.79
CA CYS A 132 15.73 -5.54 12.78
C CYS A 132 15.01 -6.24 11.62
N PHE A 133 15.66 -7.28 11.07
CA PHE A 133 15.12 -8.08 9.96
C PHE A 133 13.76 -8.67 10.33
N TYR A 134 13.67 -9.24 11.54
CA TYR A 134 12.44 -9.84 12.07
C TYR A 134 11.35 -8.78 12.15
N ALA A 135 11.70 -7.61 12.70
CA ALA A 135 10.76 -6.50 12.89
C ALA A 135 10.22 -6.03 11.54
N ILE A 136 11.13 -5.73 10.60
CA ILE A 136 10.78 -5.24 9.26
C ILE A 136 9.83 -6.23 8.59
N ASN A 138 7.57 -8.41 9.69
CA ASN A 138 6.19 -8.54 10.15
C ASN A 138 5.48 -7.18 10.13
N LYS A 139 6.25 -6.08 10.16
CA LYS A 139 5.68 -4.72 10.17
C LYS A 139 5.41 -4.25 8.74
N TYR A 140 6.44 -4.30 7.87
CA TYR A 140 6.46 -3.56 6.62
C TYR A 140 6.50 -4.47 5.38
N ILE A 141 6.56 -5.80 5.57
CA ILE A 141 6.57 -6.74 4.45
C ILE A 141 5.30 -7.59 4.52
N PRO A 142 4.42 -7.55 3.48
CA PRO A 142 3.21 -8.38 3.45
C PRO A 142 3.52 -9.87 3.52
N ARG A 143 2.61 -10.64 4.13
CA ARG A 143 2.79 -12.08 4.36
C ARG A 143 2.70 -12.84 3.03
N ASP A 144 1.72 -12.47 2.20
CA ASP A 144 1.41 -13.19 0.95
C ASP A 144 2.21 -12.60 -0.22
N CYS A 145 3.24 -11.79 0.09
CA CYS A 145 4.08 -11.12 -0.91
C CYS A 145 4.85 -12.15 -1.75
N SER A 146 5.28 -13.25 -1.12
CA SER A 146 6.10 -14.27 -1.76
C SER A 146 5.30 -14.99 -2.86
N GLN A 147 4.04 -15.31 -2.58
CA GLN A 147 3.20 -16.11 -3.47
C GLN A 147 2.64 -15.24 -4.61
N LYS A 148 2.64 -13.91 -4.42
CA LYS A 148 2.13 -12.94 -5.40
C LYS A 148 0.60 -12.97 -5.41
N GLY A 149 0.00 -12.78 -4.23
CA GLY A 149 -1.45 -12.88 -4.04
C GLY A 149 -2.10 -11.53 -3.86
N ARG A 150 -2.73 -11.33 -2.70
CA ARG A 150 -3.59 -10.18 -2.40
C ARG A 150 -2.80 -8.88 -2.40
N PRO A 151 -1.58 -8.82 -1.82
CA PRO A 151 -0.81 -7.57 -1.76
C PRO A 151 -0.62 -6.84 -3.10
N PHE A 152 -0.49 -7.60 -4.20
CA PHE A 152 -0.27 -7.03 -5.54
C PHE A 152 -1.60 -6.65 -6.19
N HIS A 153 -2.68 -7.35 -5.82
CA HIS A 153 -4.04 -6.98 -6.23
C HIS A 153 -4.38 -5.58 -5.70
N LEU A 154 -4.01 -5.32 -4.44
CA LEU A 154 -4.27 -4.03 -3.80
C LEU A 154 -3.55 -2.91 -4.55
N PHE A 155 -2.34 -3.20 -5.04
CA PHE A 155 -1.55 -2.21 -5.79
C PHE A 155 -2.20 -1.95 -7.16
N ARG A 156 -2.71 -3.01 -7.79
CA ARG A 156 -3.41 -2.91 -9.07
C ARG A 156 -4.62 -1.98 -8.93
N LEU A 157 -5.34 -2.11 -7.81
CA LEU A 157 -6.56 -1.33 -7.55
C LEU A 157 -6.19 0.15 -7.34
N LEU A 158 -5.03 0.41 -6.72
CA LEU A 158 -4.54 1.77 -6.50
C LEU A 158 -4.18 2.41 -7.85
N ILE A 159 -3.50 1.64 -8.71
CA ILE A 159 -3.08 2.11 -10.03
C ILE A 159 -4.31 2.48 -10.86
N GLN A 160 -5.35 1.64 -10.78
CA GLN A 160 -6.60 1.85 -11.51
C GLN A 160 -7.31 3.12 -11.00
N TYR A 161 -7.22 3.35 -9.69
CA TYR A 161 -7.88 4.47 -9.02
C TYR A 161 -7.34 5.80 -9.58
N HIS A 162 -6.01 5.93 -9.63
CA HIS A 162 -5.33 7.18 -9.98
C HIS A 162 -4.98 7.25 -11.47
N GLU A 163 -4.65 6.10 -12.07
CA GLU A 163 -4.19 6.02 -13.46
C GLU A 163 -4.97 4.94 -14.20
N PRO A 164 -6.29 5.15 -14.45
CA PRO A 164 -7.10 4.17 -15.18
C PRO A 164 -6.49 3.73 -16.53
N GLU A 165 -6.05 4.71 -17.32
CA GLU A 165 -5.55 4.49 -18.69
C GLU A 165 -4.33 3.56 -18.66
N LEU A 166 -3.40 3.81 -17.72
CA LEU A 166 -2.19 3.01 -17.56
C LEU A 166 -2.55 1.60 -17.12
N CYS A 167 -3.37 1.49 -16.06
CA CYS A 167 -3.81 0.20 -15.52
C CYS A 167 -4.43 -0.66 -16.61
N SER A 168 -5.28 -0.04 -17.45
CA SER A 168 -5.98 -0.72 -18.54
C SER A 168 -4.98 -1.33 -19.52
N TYR A 169 -3.96 -0.56 -19.89
CA TYR A 169 -2.91 -1.01 -20.81
C TYR A 169 -2.19 -2.22 -20.23
N LEU A 170 -1.82 -2.14 -18.94
CA LEU A 170 -1.08 -3.19 -18.25
C LEU A 170 -1.93 -4.45 -18.14
N ASP A 171 -3.24 -4.29 -17.87
CA ASP A 171 -4.18 -5.39 -17.75
C ASP A 171 -4.40 -6.05 -19.12
N THR A 172 -4.40 -5.24 -20.18
CA THR A 172 -4.63 -5.70 -21.56
C THR A 172 -3.47 -6.60 -22.01
N LYS A 173 -2.23 -6.17 -21.74
CA LYS A 173 -1.02 -6.92 -22.12
C LYS A 173 -0.68 -7.99 -21.07
N LYS A 174 -1.54 -8.12 -20.05
CA LYS A 174 -1.41 -9.13 -18.98
C LYS A 174 -0.06 -8.95 -18.27
N ILE A 175 0.25 -7.70 -17.94
CA ILE A 175 1.41 -7.33 -17.15
C ILE A 175 0.92 -6.94 -15.75
N THR A 176 0.86 -7.93 -14.85
CA THR A 176 0.36 -7.75 -13.49
C THR A 176 1.47 -7.19 -12.62
N PRO A 177 1.15 -6.44 -11.53
CA PRO A 177 2.15 -5.85 -10.66
C PRO A 177 3.22 -6.83 -10.12
N ASP A 178 2.81 -8.07 -9.85
CA ASP A 178 3.70 -9.09 -9.28
C ASP A 178 4.87 -9.40 -10.23
N SER A 179 4.67 -9.18 -11.54
CA SER A 179 5.69 -9.45 -12.54
C SER A 179 6.88 -8.50 -12.36
N TYR A 180 6.61 -7.21 -12.19
CA TYR A 180 7.66 -6.16 -12.23
C TYR A 180 7.94 -5.57 -10.83
N ALA A 181 7.02 -5.75 -9.87
CA ALA A 181 7.09 -5.06 -8.57
C ALA A 181 7.23 -6.05 -7.40
N LEU A 182 7.60 -7.30 -7.71
CA LEU A 182 7.76 -8.34 -6.69
C LEU A 182 8.79 -7.89 -5.65
N ASN A 183 9.96 -7.48 -6.14
CA ASN A 183 11.12 -7.15 -5.31
C ASN A 183 11.06 -5.68 -4.86
N TRP A 184 10.22 -4.88 -5.53
CA TRP A 184 9.87 -3.53 -5.06
C TRP A 184 9.35 -3.62 -3.62
N LEU A 185 8.33 -4.47 -3.45
CA LEU A 185 7.62 -4.65 -2.20
C LEU A 185 8.43 -5.53 -1.24
N GLY A 186 9.00 -6.62 -1.77
CA GLY A 186 9.74 -7.61 -1.01
C GLY A 186 10.98 -7.03 -0.33
N SER A 187 11.72 -6.19 -1.06
CA SER A 187 13.01 -5.66 -0.61
C SER A 187 12.89 -4.19 -0.16
N LEU A 188 11.72 -3.59 -0.37
CA LEU A 188 11.50 -2.14 -0.18
C LEU A 188 12.54 -1.35 -1.01
N PHE A 189 12.75 -1.79 -2.25
CA PHE A 189 13.61 -1.15 -3.27
C PHE A 189 15.10 -1.44 -3.04
N ALA A 190 15.44 -2.17 -1.98
CA ALA A 190 16.84 -2.43 -1.60
C ALA A 190 17.52 -3.36 -2.61
N CYS A 191 16.71 -4.12 -3.35
CA CYS A 191 17.17 -5.01 -4.41
C CYS A 191 17.80 -4.22 -5.57
N TYR A 192 17.13 -3.12 -5.95
CA TYR A 192 17.46 -2.35 -7.17
C TYR A 192 18.30 -1.12 -6.82
N CYS A 193 17.86 -0.36 -5.81
CA CYS A 193 18.47 0.92 -5.46
C CYS A 193 19.89 0.71 -4.87
N SER A 194 20.71 1.77 -4.97
CA SER A 194 22.06 1.79 -4.40
C SER A 194 21.96 1.98 -2.88
N THR A 195 23.07 1.73 -2.18
CA THR A 195 23.13 1.76 -0.72
C THR A 195 22.75 3.14 -0.20
N GLU A 196 23.19 4.19 -0.90
CA GLU A 196 23.02 5.58 -0.47
C GLU A 196 21.53 5.99 -0.56
N VAL A 197 20.91 5.71 -1.71
CA VAL A 197 19.52 6.12 -1.96
C VAL A 197 18.56 5.17 -1.22
N THR A 198 18.92 3.88 -1.11
CA THR A 198 18.17 2.91 -0.32
C THR A 198 18.09 3.39 1.13
N GLN A 199 19.21 3.90 1.65
CA GLN A 199 19.32 4.40 3.02
C GLN A 199 18.41 5.61 3.19
N ALA A 200 18.42 6.52 2.20
CA ALA A 200 17.61 7.73 2.20
C ALA A 200 16.12 7.38 2.26
N ILE A 201 15.72 6.35 1.49
CA ILE A 201 14.34 5.88 1.46
C ILE A 201 13.98 5.27 2.81
N TRP A 202 14.85 4.39 3.31
CA TRP A 202 14.64 3.67 4.57
C TRP A 202 14.65 4.63 5.77
N ASP A 203 15.41 5.74 5.65
CA ASP A 203 15.43 6.79 6.66
C ASP A 203 14.01 7.33 6.84
N GLY A 204 13.44 7.82 5.74
CA GLY A 204 12.10 8.42 5.72
C GLY A 204 11.00 7.43 6.03
N TYR A 205 11.14 6.20 5.50
CA TYR A 205 10.10 5.17 5.59
C TYR A 205 9.92 4.72 7.04
N LEU A 206 11.03 4.40 7.71
CA LEU A 206 11.02 3.89 9.08
C LEU A 206 10.57 4.99 10.05
N GLN A 207 10.96 6.24 9.76
CA GLN A 207 10.54 7.39 10.57
C GLN A 207 9.02 7.57 10.47
N GLN A 208 8.47 7.48 9.26
CA GLN A 208 7.05 7.70 9.00
C GLN A 208 6.22 6.58 9.65
N ALA A 209 6.70 5.33 9.50
CA ALA A 209 6.11 4.14 10.13
C ALA A 209 4.68 3.94 9.64
N ASP A 210 4.54 3.76 8.33
CA ASP A 210 3.25 3.56 7.66
C ASP A 210 3.37 2.38 6.70
N PRO A 211 2.88 1.18 7.07
CA PRO A 211 3.03 -0.02 6.23
C PRO A 211 2.58 0.09 4.77
N PHE A 212 1.60 0.95 4.50
CA PHE A 212 0.97 1.06 3.18
C PHE A 212 1.66 2.15 2.33
N PHE A 213 2.69 2.80 2.88
CA PHE A 213 3.37 3.89 2.19
C PHE A 213 4.11 3.36 0.95
N ILE A 214 4.60 2.12 1.04
CA ILE A 214 5.31 1.46 -0.06
C ILE A 214 4.45 1.50 -1.33
N TYR A 215 3.14 1.30 -1.19
CA TYR A 215 2.20 1.28 -2.33
C TYR A 215 2.27 2.61 -3.08
N PHE A 216 2.36 3.72 -2.34
CA PHE A 216 2.36 5.05 -2.91
C PHE A 216 3.74 5.37 -3.52
N LEU A 217 4.81 4.89 -2.88
CA LEU A 217 6.17 5.00 -3.42
C LEU A 217 6.25 4.23 -4.75
N LEU A 219 3.84 3.42 -6.69
CA LEU A 219 2.96 4.05 -7.65
C LEU A 219 3.71 5.16 -8.41
N ILE A 220 4.47 5.97 -7.68
CA ILE A 220 5.20 7.10 -8.27
C ILE A 220 6.23 6.57 -9.28
N ILE A 221 6.95 5.51 -8.90
CA ILE A 221 7.97 4.90 -9.75
C ILE A 221 7.33 4.44 -11.07
N LEU A 222 6.13 3.85 -10.95
CA LEU A 222 5.39 3.34 -12.09
C LEU A 222 4.88 4.50 -12.95
N VAL A 223 4.33 5.53 -12.29
CA VAL A 223 3.72 6.68 -12.97
C VAL A 223 4.79 7.48 -13.72
N ASN A 224 6.03 7.49 -13.19
CA ASN A 224 7.15 8.19 -13.81
C ASN A 224 7.50 7.56 -15.16
N ALA A 225 7.21 6.26 -15.31
CA ALA A 225 7.49 5.50 -16.53
C ALA A 225 6.23 5.38 -17.42
N LYS A 226 5.18 6.14 -17.09
CA LYS A 226 3.90 6.08 -17.81
C LYS A 226 4.13 6.37 -19.30
N GLU A 227 4.79 7.50 -19.57
CA GLU A 227 5.08 7.97 -20.93
C GLU A 227 5.73 6.86 -21.75
N VAL A 228 6.75 6.23 -21.18
CA VAL A 228 7.56 5.20 -21.86
C VAL A 228 6.71 3.96 -22.13
N ILE A 229 5.88 3.57 -21.15
CA ILE A 229 5.07 2.35 -21.23
C ILE A 229 4.09 2.45 -22.41
N LEU A 230 3.38 3.58 -22.49
CA LEU A 230 2.26 3.75 -23.43
C LEU A 230 2.78 4.02 -24.84
N THR A 231 3.80 4.89 -24.96
CA THR A 231 4.34 5.31 -26.26
C THR A 231 4.73 4.09 -27.10
N GLN A 232 5.69 3.32 -26.62
CA GLN A 232 6.16 2.11 -27.31
C GLN A 232 5.12 0.99 -27.12
N GLU A 233 4.59 0.48 -28.23
CA GLU A 233 3.68 -0.66 -28.26
C GLU A 233 4.31 -1.79 -29.11
N SER A 234 5.59 -1.64 -29.44
CA SER A 234 6.32 -2.55 -30.31
C SER A 234 6.94 -3.69 -29.49
N ASP A 235 7.52 -3.34 -28.33
CA ASP A 235 8.24 -4.27 -27.47
C ASP A 235 7.27 -5.33 -26.94
N SER A 236 7.81 -6.54 -26.72
CA SER A 236 7.05 -7.68 -26.20
C SER A 236 6.78 -7.48 -24.71
N LYS A 237 5.92 -8.35 -24.16
CA LYS A 237 5.52 -8.31 -22.75
C LYS A 237 6.76 -8.37 -21.84
N GLU A 238 7.64 -9.35 -22.13
CA GLU A 238 8.82 -9.64 -21.30
C GLU A 238 9.78 -8.45 -21.30
N GLU A 239 9.88 -7.76 -22.44
CA GLU A 239 10.82 -6.66 -22.64
C GLU A 239 10.40 -5.45 -21.80
N VAL A 240 9.09 -5.22 -21.67
CA VAL A 240 8.53 -4.09 -20.93
C VAL A 240 8.69 -4.35 -19.42
N ILE A 241 8.38 -5.58 -18.99
CA ILE A 241 8.52 -6.00 -17.59
C ILE A 241 9.97 -5.77 -17.14
N LYS A 242 10.91 -6.25 -17.97
CA LYS A 242 12.35 -6.11 -17.73
C LYS A 242 12.71 -4.66 -17.43
N PHE A 243 12.21 -3.74 -18.27
CA PHE A 243 12.47 -2.31 -18.13
C PHE A 243 11.89 -1.79 -16.80
N LEU A 244 10.64 -2.14 -16.52
CA LEU A 244 9.92 -1.67 -15.34
C LEU A 244 10.65 -2.08 -14.06
N GLU A 245 11.12 -3.34 -14.01
CA GLU A 245 11.82 -3.89 -12.84
C GLU A 245 12.91 -2.92 -12.36
N ASN A 246 13.70 -2.39 -13.30
CA ASN A 246 14.92 -1.63 -12.97
C ASN A 246 14.67 -0.12 -13.08
N THR A 247 13.42 0.32 -12.96
CA THR A 247 13.09 1.75 -12.92
C THR A 247 13.55 2.37 -11.60
N PRO A 248 13.40 1.68 -10.43
CA PRO A 248 13.86 2.24 -9.15
C PRO A 248 15.38 2.45 -9.06
N SER A 249 16.16 1.62 -9.77
CA SER A 249 17.62 1.70 -9.77
C SER A 249 18.12 2.98 -10.46
N SER A 250 17.24 3.61 -11.25
CA SER A 250 17.52 4.87 -11.94
C SER A 250 17.44 6.07 -10.98
N LEU A 251 16.90 5.85 -9.77
CA LEU A 251 16.75 6.91 -8.77
C LEU A 251 18.13 7.38 -8.28
N ASN A 252 18.18 8.65 -7.87
CA ASN A 252 19.35 9.28 -7.27
C ASN A 252 18.93 9.88 -5.92
N ILE A 253 19.92 10.34 -5.15
CA ILE A 253 19.68 10.82 -3.79
C ILE A 253 18.83 12.10 -3.80
N GLU A 254 18.96 12.90 -4.87
CA GLU A 254 18.23 14.18 -4.99
C GLU A 254 16.81 13.97 -5.51
N ASP A 255 16.47 12.73 -5.93
CA ASP A 255 15.12 12.38 -6.40
C ASP A 255 14.22 12.02 -5.21
N ILE A 256 14.81 11.66 -4.07
CA ILE A 256 14.11 10.99 -2.97
C ILE A 256 13.11 11.96 -2.31
N GLU A 257 13.50 13.22 -2.16
CA GLU A 257 12.66 14.23 -1.52
C GLU A 257 11.32 14.34 -2.26
N ASP A 258 11.39 14.42 -3.59
CA ASP A 258 10.21 14.60 -4.44
C ASP A 258 9.38 13.30 -4.46
N LEU A 259 10.05 12.14 -4.40
CA LEU A 259 9.40 10.83 -4.40
C LEU A 259 8.44 10.72 -3.21
N PHE A 260 8.89 11.16 -2.04
CA PHE A 260 8.10 11.07 -0.80
C PHE A 260 6.96 12.10 -0.83
N SER A 261 7.25 13.33 -1.28
CA SER A 261 6.27 14.41 -1.34
C SER A 261 5.15 14.04 -2.32
N LEU A 262 5.50 13.39 -3.42
CA LEU A 262 4.54 12.94 -4.44
C LEU A 262 3.73 11.74 -3.91
N ALA A 263 4.39 10.86 -3.15
CA ALA A 263 3.75 9.70 -2.54
C ALA A 263 2.68 10.16 -1.53
N GLN A 264 3.02 11.19 -0.74
CA GLN A 264 2.12 11.77 0.26
C GLN A 264 0.96 12.50 -0.42
N TYR A 265 1.23 13.05 -1.61
CA TYR A 265 0.23 13.78 -2.40
C TYR A 265 -0.83 12.81 -2.94
N TYR A 266 -0.37 11.73 -3.60
CA TYR A 266 -1.26 10.69 -4.12
C TYR A 266 -2.01 10.02 -2.97
N CYS A 267 -1.35 9.89 -1.81
CA CYS A 267 -1.93 9.34 -0.59
C CYS A 267 -3.10 10.21 -0.12
N SER A 268 -2.94 11.54 -0.21
CA SER A 268 -3.94 12.51 0.25
C SER A 268 -5.20 12.49 -0.63
N LYS A 269 -5.09 11.93 -1.84
CA LYS A 269 -6.21 11.79 -2.77
C LYS A 269 -6.62 10.31 -2.88
N THR A 270 -6.43 9.56 -1.79
CA THR A 270 -6.79 8.15 -1.70
C THR A 270 -7.65 7.93 -0.47
N PRO A 271 -8.80 7.24 -0.57
CA PRO A 271 -9.65 6.98 0.59
C PRO A 271 -8.92 6.31 1.75
N ALA A 272 -9.30 6.68 2.98
CA ALA A 272 -8.76 6.09 4.21
C ALA A 272 -9.02 4.58 4.24
N SER A 273 -10.07 4.14 3.52
CA SER A 273 -10.44 2.72 3.41
C SER A 273 -9.27 1.87 2.90
N PHE A 274 -8.46 2.44 2.00
CA PHE A 274 -7.30 1.75 1.41
C PHE A 274 -6.47 1.08 2.51
N ARG A 275 -6.16 1.85 3.55
CA ARG A 275 -5.36 1.39 4.69
C ARG A 275 -6.22 0.56 5.65
N LYS A 276 -7.35 1.15 6.08
CA LYS A 276 -8.09 0.70 7.26
C LYS A 276 -8.71 -0.69 7.04
N ASP A 277 -9.02 -1.04 5.79
CA ASP A 277 -9.75 -2.27 5.48
C ASP A 277 -8.79 -3.37 5.01
N ASN A 278 -7.47 -3.12 5.08
CA ASN A 278 -6.46 -4.05 4.55
C ASN A 278 -5.31 -4.24 5.55
N HIS A 279 -5.57 -4.10 6.85
CA HIS A 279 -4.56 -4.28 7.90
C HIS A 279 -4.11 -5.74 7.98
N HIS A 280 -4.95 -6.65 7.48
CA HIS A 280 -4.75 -8.11 7.56
C HIS A 280 -3.59 -8.58 6.66
N LEU A 281 -3.08 -7.71 5.78
CA LEU A 281 -2.00 -8.05 4.85
C LEU A 281 -0.65 -8.14 5.59
N PHE A 282 -0.48 -7.34 6.65
CA PHE A 282 0.80 -7.15 7.32
C PHE A 282 0.88 -7.99 8.60
N GLY A 283 -0.19 -7.95 9.42
CA GLY A 283 -0.25 -8.68 10.67
C GLY A 283 -0.44 -10.18 10.44
N SER A 284 -1.23 -10.82 11.31
CA SER A 284 -1.63 -12.21 11.15
C SER A 284 -2.70 -12.32 10.06
N THR A 285 -2.81 -13.49 9.44
CA THR A 285 -3.81 -13.79 8.42
C THR A 285 -5.17 -14.05 9.08
N LEU A 286 -5.15 -14.42 10.38
CA LEU A 286 -6.36 -14.76 11.14
C LEU A 286 -7.29 -13.56 11.20
N LEU A 287 -6.72 -12.38 11.46
CA LEU A 287 -7.44 -11.11 11.29
C LEU A 287 -7.71 -10.94 9.79
N GLY A 288 -8.93 -10.52 9.45
CA GLY A 288 -9.41 -10.45 8.07
C GLY A 288 -10.33 -11.60 7.72
N ILE A 289 -10.55 -12.50 8.68
CA ILE A 289 -11.57 -13.56 8.58
C ILE A 289 -12.97 -12.92 8.69
N LYS A 290 -13.07 -11.88 9.50
CA LYS A 290 -14.32 -11.17 9.76
C LYS A 290 -14.84 -10.51 8.47
N ASP A 291 -13.91 -10.03 7.63
CA ASP A 291 -14.24 -9.42 6.34
C ASP A 291 -14.51 -10.52 5.31
N ASP A 292 -15.68 -11.16 5.41
CA ASP A 292 -16.10 -12.23 4.51
C ASP A 292 -16.54 -11.61 3.17
N ASP A 293 -16.24 -12.32 2.07
CA ASP A 293 -16.65 -11.96 0.71
C ASP A 293 -16.09 -10.58 0.37
N ALA A 294 -14.77 -10.41 0.54
CA ALA A 294 -14.07 -9.17 0.23
C ALA A 294 -12.66 -9.49 -0.28
N ASP A 295 -12.60 -10.28 -1.36
CA ASP A 295 -11.37 -10.75 -1.97
C ASP A 295 -10.88 -9.70 -2.98
N LEU A 296 -9.57 -9.40 -2.93
CA LEU A 296 -8.94 -8.42 -3.82
C LEU A 296 -8.68 -9.05 -5.19
N SER A 297 -8.60 -10.39 -5.23
CA SER A 297 -8.51 -11.15 -6.47
C SER A 297 -9.77 -10.93 -7.33
N GLN A 298 -10.92 -10.84 -6.66
CA GLN A 298 -12.24 -10.76 -7.30
C GLN A 298 -12.69 -9.31 -7.49
N ALA A 299 -11.93 -8.36 -6.92
CA ALA A 299 -12.29 -6.94 -6.91
C ALA A 299 -11.99 -6.31 -8.27
N LEU A 300 -12.93 -5.48 -8.76
CA LEU A 300 -12.80 -4.75 -10.03
C LEU A 300 -12.29 -3.32 -9.76
N CYS A 301 -12.46 -2.84 -8.53
CA CYS A 301 -11.98 -1.53 -8.10
C CYS A 301 -11.89 -1.48 -6.57
N LEU A 302 -11.38 -0.36 -6.05
CA LEU A 302 -11.19 -0.15 -4.62
C LEU A 302 -12.56 -0.11 -3.92
N ALA A 303 -12.62 -0.66 -2.71
CA ALA A 303 -13.85 -0.73 -1.91
C ALA A 303 -13.78 0.28 -0.76
N ILE A 304 -14.87 1.05 -0.61
CA ILE A 304 -14.98 2.08 0.42
C ILE A 304 -15.95 1.58 1.50
N SER A 305 -15.52 1.68 2.76
CA SER A 305 -16.40 1.41 3.91
C SER A 305 -17.41 2.54 4.02
N VAL A 306 -18.67 2.18 4.34
CA VAL A 306 -19.77 3.14 4.42
C VAL A 306 -19.46 4.24 5.43
N SER A 307 -18.75 3.89 6.51
CA SER A 307 -18.39 4.82 7.58
C SER A 307 -17.61 6.03 7.03
N GLU A 308 -16.67 5.77 6.11
CA GLU A 308 -15.85 6.83 5.53
C GLU A 308 -16.72 7.76 4.69
N ILE A 309 -17.68 7.19 3.95
CA ILE A 309 -18.57 7.94 3.06
C ILE A 309 -19.29 9.03 3.87
N LEU A 310 -19.87 8.63 5.01
CA LEU A 310 -20.70 9.51 5.83
C LEU A 310 -19.83 10.57 6.52
N GLN A 311 -18.63 10.17 6.97
CA GLN A 311 -17.71 11.05 7.69
C GLN A 311 -17.09 12.07 6.72
N ALA A 312 -16.51 11.56 5.63
CA ALA A 312 -15.66 12.32 4.71
C ALA A 312 -16.38 13.57 4.19
N ASN A 313 -17.64 13.41 3.79
CA ASN A 313 -18.40 14.45 3.09
C ASN A 313 -18.75 15.60 4.05
N GLN A 314 -18.93 15.28 5.34
CA GLN A 314 -19.31 16.26 6.36
C GLN A 314 -18.18 17.28 6.60
N LEU A 315 -16.92 16.81 6.51
CA LEU A 315 -15.74 17.60 6.90
C LEU A 315 -15.67 18.91 6.11
N GLN A 316 -15.58 18.80 4.78
CA GLN A 316 -15.42 19.95 3.87
C GLN A 316 -14.20 20.76 4.28
N GLY A 317 -13.02 20.13 4.18
CA GLY A 317 -11.73 20.74 4.52
C GLY A 317 -10.62 20.28 3.60
N GLU A 318 -10.89 20.30 2.29
CA GLU A 318 -9.95 19.89 1.24
C GLU A 318 -9.46 18.46 1.48
N GLY A 319 -10.42 17.53 1.59
CA GLY A 319 -10.15 16.11 1.75
C GLY A 319 -10.79 15.30 0.63
N VAL A 320 -10.71 13.97 0.75
CA VAL A 320 -11.34 13.05 -0.18
C VAL A 320 -12.85 13.08 0.06
N ARG A 321 -13.60 13.49 -0.96
CA ARG A 321 -15.06 13.57 -0.91
C ARG A 321 -15.65 12.70 -2.03
N PHE A 322 -16.84 12.13 -1.75
CA PHE A 322 -17.47 11.13 -2.60
C PHE A 322 -18.77 11.68 -3.21
N PHE A 323 -18.95 11.44 -4.51
CA PHE A 323 -20.25 11.53 -5.17
C PHE A 323 -20.83 10.13 -5.27
N VAL A 324 -21.80 9.83 -4.39
CA VAL A 324 -22.37 8.48 -4.27
C VAL A 324 -23.41 8.28 -5.38
N VAL A 325 -23.35 7.10 -6.00
CA VAL A 325 -24.23 6.71 -7.10
C VAL A 325 -24.97 5.43 -6.72
N ASP A 326 -26.27 5.55 -6.43
CA ASP A 326 -27.13 4.39 -6.20
C ASP A 326 -27.44 3.76 -7.56
N CYS A 327 -27.03 2.50 -7.73
CA CYS A 327 -27.09 1.80 -9.01
C CYS A 327 -28.27 0.81 -9.05
N ARG A 328 -29.02 0.72 -7.95
CA ARG A 328 -30.08 -0.27 -7.79
C ARG A 328 -31.28 0.11 -8.65
N PRO A 329 -32.18 -0.85 -8.98
CA PRO A 329 -33.43 -0.54 -9.68
C PRO A 329 -34.29 0.50 -8.92
N ALA A 330 -35.20 1.15 -9.66
CA ALA A 330 -36.08 2.20 -9.14
C ALA A 330 -36.91 1.69 -7.98
N GLU A 331 -37.33 0.41 -8.05
CA GLU A 331 -38.18 -0.21 -7.02
C GLU A 331 -37.44 -0.23 -5.68
N GLN A 332 -36.19 -0.71 -5.69
CA GLN A 332 -35.36 -0.79 -4.48
C GLN A 332 -34.98 0.62 -4.00
N TYR A 333 -34.58 1.48 -4.94
CA TYR A 333 -34.17 2.85 -4.64
C TYR A 333 -35.26 3.58 -3.85
N ASN A 334 -36.49 3.56 -4.38
CA ASN A 334 -37.62 4.33 -3.85
C ASN A 334 -38.01 3.82 -2.45
N ALA A 335 -37.80 2.53 -2.18
CA ALA A 335 -38.11 1.91 -0.88
C ALA A 335 -37.24 2.54 0.23
N GLY A 336 -36.00 2.89 -0.12
CA GLY A 336 -35.04 3.48 0.82
C GLY A 336 -33.69 3.67 0.16
N HIS A 337 -33.15 4.89 0.24
CA HIS A 337 -31.92 5.27 -0.46
C HIS A 337 -31.20 6.39 0.30
N LEU A 338 -29.88 6.47 0.10
CA LEU A 338 -29.08 7.59 0.60
C LEU A 338 -29.58 8.87 -0.07
N SER A 339 -29.86 9.89 0.75
CA SER A 339 -30.57 11.10 0.32
C SER A 339 -29.66 12.02 -0.52
N THR A 340 -28.34 11.80 -0.45
CA THR A 340 -27.34 12.61 -1.18
C THR A 340 -26.86 11.87 -2.44
N ALA A 341 -27.47 10.72 -2.76
CA ALA A 341 -27.00 9.83 -3.83
C ALA A 341 -27.78 10.07 -5.12
N PHE A 342 -27.05 10.12 -6.24
CA PHE A 342 -27.62 10.13 -7.59
C PHE A 342 -28.11 8.71 -7.92
N HIS A 343 -29.27 8.62 -8.59
CA HIS A 343 -29.86 7.34 -8.98
C HIS A 343 -29.50 7.01 -10.43
N LEU A 344 -28.65 6.00 -10.61
CA LEU A 344 -28.32 5.45 -11.92
C LEU A 344 -28.97 4.07 -12.04
N ASP A 345 -30.17 4.01 -12.61
CA ASP A 345 -30.95 2.79 -12.72
C ASP A 345 -30.21 1.81 -13.65
N SER A 346 -29.68 0.73 -13.06
CA SER A 346 -28.85 -0.24 -13.78
C SER A 346 -29.69 -1.05 -14.77
N ASP A 347 -31.01 -1.09 -14.57
CA ASP A 347 -31.95 -1.77 -15.46
C ASP A 347 -31.89 -1.15 -16.86
N LEU A 348 -31.64 0.17 -16.93
CA LEU A 348 -31.59 0.91 -18.20
C LEU A 348 -30.40 0.44 -19.04
N LEU A 350 -28.96 -2.16 -20.18
CA LEU A 350 -29.21 -3.05 -21.30
C LEU A 350 -30.54 -2.71 -21.98
N GLN A 351 -31.59 -2.48 -21.18
CA GLN A 351 -32.97 -2.41 -21.68
C GLN A 351 -33.21 -1.13 -22.49
N ASN A 352 -32.60 -0.01 -22.06
CA ASN A 352 -32.66 1.26 -22.79
C ASN A 352 -31.30 1.95 -22.69
N PRO A 353 -30.30 1.52 -23.49
CA PRO A 353 -28.94 2.05 -23.41
C PRO A 353 -28.82 3.57 -23.65
N SER A 354 -29.72 4.10 -24.48
CA SER A 354 -29.73 5.52 -24.84
C SER A 354 -30.08 6.38 -23.62
N GLU A 355 -31.09 5.94 -22.86
CA GLU A 355 -31.57 6.67 -21.69
C GLU A 355 -30.58 6.52 -20.52
N PHE A 356 -29.86 5.39 -20.51
CA PHE A 356 -28.78 5.13 -19.55
C PHE A 356 -27.62 6.11 -19.82
N ALA A 357 -27.31 6.32 -21.10
CA ALA A 357 -26.26 7.25 -21.53
C ALA A 357 -26.62 8.68 -21.08
N GLN A 358 -27.88 9.05 -21.28
CA GLN A 358 -28.40 10.36 -20.85
C GLN A 358 -28.29 10.48 -19.33
N SER A 359 -28.58 9.38 -18.63
CA SER A 359 -28.52 9.32 -17.17
C SER A 359 -27.07 9.48 -16.69
N VAL A 360 -26.11 8.92 -17.45
CA VAL A 360 -24.68 9.04 -17.14
C VAL A 360 -24.22 10.49 -17.41
N LYS A 361 -24.81 11.13 -18.43
CA LYS A 361 -24.53 12.53 -18.76
C LYS A 361 -25.02 13.42 -17.61
N SER A 362 -26.23 13.15 -17.12
CA SER A 362 -26.83 13.88 -16.00
C SER A 362 -25.99 13.70 -14.73
N LEU A 363 -25.50 12.48 -14.52
CA LEU A 363 -24.70 12.09 -13.35
C LEU A 363 -23.47 13.00 -13.23
N LEU A 364 -22.72 13.12 -14.33
CA LEU A 364 -21.46 13.85 -14.36
C LEU A 364 -21.71 15.36 -14.18
N GLU A 365 -22.82 15.85 -14.75
CA GLU A 365 -23.27 17.22 -14.60
C GLU A 365 -23.63 17.48 -13.13
N ALA A 366 -24.36 16.53 -12.52
CA ALA A 366 -24.79 16.63 -11.13
C ALA A 366 -23.58 16.66 -10.19
N GLN A 367 -22.58 15.81 -10.49
CA GLN A 367 -21.33 15.75 -9.74
C GLN A 367 -20.63 17.12 -9.81
N LYS A 368 -20.59 17.69 -11.01
CA LYS A 368 -19.93 18.98 -11.28
C LYS A 368 -20.58 20.07 -10.42
N GLN A 369 -21.91 20.20 -10.53
CA GLN A 369 -22.66 21.28 -9.88
C GLN A 369 -22.61 21.12 -8.35
N SER A 370 -22.56 19.86 -7.87
CA SER A 370 -22.54 19.55 -6.45
C SER A 370 -21.19 19.95 -5.83
N ILE A 371 -20.10 19.78 -6.61
CA ILE A 371 -18.76 20.21 -6.21
C ILE A 371 -18.71 21.74 -6.14
N GLU A 372 -19.21 22.39 -7.20
CA GLU A 372 -19.21 23.85 -7.34
C GLU A 372 -19.99 24.47 -6.17
N SER A 373 -21.15 23.88 -5.84
CA SER A 373 -22.04 24.36 -4.77
C SER A 373 -21.38 24.16 -3.39
N GLY A 374 -20.52 23.16 -3.27
CA GLY A 374 -19.87 22.80 -2.02
C GLY A 374 -20.84 22.11 -1.07
N SER A 375 -21.75 21.32 -1.63
CA SER A 375 -22.80 20.66 -0.88
C SER A 375 -22.28 19.34 -0.28
N ILE A 376 -23.08 18.76 0.60
CA ILE A 376 -22.79 17.49 1.27
C ILE A 376 -22.67 16.36 0.25
N ALA A 377 -23.41 16.46 -0.86
CA ALA A 377 -23.46 15.43 -1.91
C ALA A 377 -22.20 15.47 -2.79
N GLY A 378 -21.65 16.67 -3.01
CA GLY A 378 -20.56 16.89 -3.96
C GLY A 378 -19.26 16.19 -3.56
N GLY A 379 -18.51 15.74 -4.57
CA GLY A 379 -17.23 15.06 -4.37
C GLY A 379 -16.61 14.63 -5.70
N GLU A 380 -15.28 14.65 -5.74
CA GLU A 380 -14.48 14.26 -6.92
C GLU A 380 -14.59 12.74 -7.17
N HIS A 381 -14.65 11.97 -6.09
CA HIS A 381 -14.48 10.51 -6.13
C HIS A 381 -15.83 9.83 -6.34
N LEU A 382 -15.94 9.06 -7.43
CA LEU A 382 -17.14 8.29 -7.77
C LEU A 382 -17.18 7.00 -6.94
N CYS A 383 -18.26 6.84 -6.17
CA CYS A 383 -18.48 5.65 -5.35
C CYS A 383 -19.87 5.08 -5.66
N PHE A 384 -19.90 3.93 -6.32
CA PHE A 384 -21.13 3.28 -6.77
C PHE A 384 -21.60 2.29 -5.71
N GLY A 386 -24.64 -0.71 -4.70
CA GLY A 386 -25.74 -1.60 -5.02
C GLY A 386 -26.50 -2.01 -3.77
N SER A 387 -27.21 -3.14 -3.85
CA SER A 387 -28.03 -3.66 -2.75
C SER A 387 -27.13 -4.10 -1.59
N GLY A 388 -26.01 -4.75 -1.92
CA GLY A 388 -25.14 -5.39 -0.96
C GLY A 388 -25.27 -6.91 -1.00
N ARG A 389 -26.37 -7.39 -1.60
CA ARG A 389 -26.65 -8.81 -1.75
C ARG A 389 -25.93 -9.34 -2.99
N GLU A 390 -25.24 -10.47 -2.83
CA GLU A 390 -24.46 -11.09 -3.89
C GLU A 390 -25.40 -11.74 -4.93
N GLU A 391 -26.67 -11.92 -4.55
CA GLU A 391 -27.70 -12.47 -5.43
C GLU A 391 -28.00 -11.49 -6.57
N GLU A 392 -27.92 -10.19 -6.27
CA GLU A 392 -28.51 -9.14 -7.12
C GLU A 392 -27.43 -8.33 -7.85
N ASP A 393 -26.22 -8.26 -7.29
CA ASP A 393 -25.27 -7.17 -7.62
C ASP A 393 -24.30 -7.58 -8.73
N TYR A 395 -24.93 -6.53 -11.83
CA TYR A 395 -24.97 -5.31 -12.63
C TYR A 395 -23.84 -4.35 -12.23
N ASN A 397 -20.76 -5.20 -11.93
CA ASN A 397 -19.69 -5.54 -12.85
C ASN A 397 -19.79 -4.67 -14.10
N VAL A 399 -21.69 -1.88 -14.56
CA VAL A 399 -21.68 -0.45 -14.27
C VAL A 399 -20.22 0.01 -14.16
N LEU A 400 -19.44 -0.71 -13.36
CA LEU A 400 -18.03 -0.37 -13.12
C LEU A 400 -17.25 -0.45 -14.44
N ALA A 401 -17.55 -1.46 -15.26
CA ALA A 401 -16.91 -1.66 -16.56
C ALA A 401 -17.13 -0.44 -17.46
N HIS A 402 -18.35 0.12 -17.42
CA HIS A 402 -18.74 1.25 -18.26
C HIS A 402 -17.86 2.47 -17.98
N PHE A 403 -17.61 2.76 -16.70
CA PHE A 403 -16.87 3.95 -16.27
C PHE A 403 -15.35 3.72 -16.38
N LEU A 404 -14.92 2.49 -16.10
CA LEU A 404 -13.49 2.12 -16.15
C LEU A 404 -12.98 2.17 -17.60
N GLN A 405 -13.83 1.79 -18.55
CA GLN A 405 -13.45 1.75 -19.97
C GLN A 405 -13.25 3.18 -20.51
N LYS A 406 -13.93 4.16 -19.91
CA LYS A 406 -13.79 5.58 -20.25
C LYS A 406 -12.68 6.22 -19.42
N ASN A 407 -11.93 5.39 -18.68
CA ASN A 407 -10.73 5.79 -17.94
C ASN A 407 -11.07 6.90 -16.94
N LYS A 408 -12.19 6.72 -16.22
CA LYS A 408 -12.59 7.62 -15.14
C LYS A 408 -11.73 7.31 -13.91
N GLU A 409 -11.09 8.34 -13.37
CA GLU A 409 -10.27 8.20 -12.18
C GLU A 409 -11.17 8.31 -10.94
N TYR A 410 -10.74 7.66 -9.86
CA TYR A 410 -11.38 7.68 -8.54
C TYR A 410 -12.72 6.93 -8.57
N VAL A 411 -12.76 5.79 -9.27
CA VAL A 411 -13.94 4.92 -9.30
C VAL A 411 -13.79 3.89 -8.17
N SER A 412 -14.82 3.80 -7.32
CA SER A 412 -14.85 2.89 -6.19
C SER A 412 -16.25 2.27 -6.05
N ILE A 413 -16.35 1.27 -5.18
CA ILE A 413 -17.61 0.62 -4.83
C ILE A 413 -17.84 0.79 -3.32
N ALA A 414 -19.10 0.90 -2.93
CA ALA A 414 -19.50 0.92 -1.53
C ALA A 414 -19.48 -0.51 -0.98
N SER A 415 -18.68 -0.73 0.07
CA SER A 415 -18.49 -2.04 0.68
C SER A 415 -19.77 -2.47 1.42
N GLY A 416 -20.43 -3.50 0.89
CA GLY A 416 -21.64 -4.07 1.48
C GLY A 416 -22.92 -3.37 1.02
N GLY A 417 -22.77 -2.44 0.07
CA GLY A 417 -23.90 -1.77 -0.57
C GLY A 417 -24.79 -1.04 0.42
N PHE A 418 -26.07 -0.89 0.04
CA PHE A 418 -27.08 -0.18 0.82
C PHE A 418 -27.39 -0.94 2.12
N ALA A 420 -25.24 -2.48 4.00
CA ALA A 420 -24.20 -2.14 4.96
C ALA A 420 -24.44 -0.73 5.52
N LEU A 421 -25.04 0.14 4.69
CA LEU A 421 -25.38 1.51 5.09
C LEU A 421 -26.41 1.48 6.23
N GLN A 422 -27.50 0.74 6.01
CA GLN A 422 -28.58 0.55 6.99
C GLN A 422 -28.02 -0.03 8.29
N GLN A 423 -27.16 -1.06 8.14
CA GLN A 423 -26.60 -1.79 9.28
C GLN A 423 -25.68 -0.85 10.10
N HIS A 424 -24.89 -0.03 9.39
CA HIS A 424 -23.92 0.87 10.03
C HIS A 424 -24.65 1.91 10.88
N LEU A 425 -25.69 2.54 10.31
CA LEU A 425 -26.46 3.57 10.99
C LEU A 425 -27.24 2.98 12.16
N ALA A 426 -27.74 1.75 11.97
CA ALA A 426 -28.48 1.02 13.01
C ALA A 426 -27.56 0.71 14.20
N ASP A 427 -26.31 0.33 13.89
CA ASP A 427 -25.33 -0.09 14.89
C ASP A 427 -24.94 1.09 15.79
N ILE A 428 -24.73 2.27 15.19
CA ILE A 428 -24.25 3.45 15.89
C ILE A 428 -25.43 4.32 16.37
N ASN A 429 -26.66 3.95 15.99
CA ASN A 429 -27.88 4.67 16.34
C ASN A 429 -27.71 6.15 15.95
N VAL A 430 -27.58 6.38 14.65
CA VAL A 430 -27.51 7.72 14.05
C VAL A 430 -28.44 7.75 12.84
N ASP A 431 -29.24 8.82 12.74
CA ASP A 431 -30.24 8.98 11.68
C ASP A 431 -29.67 9.85 10.56
N GLY A 432 -29.01 10.97 10.92
CA GLY A 432 -28.42 11.91 9.96
C GLY A 432 -27.13 12.53 10.48
N PRO A 433 -26.52 13.46 9.71
CA PRO A 433 -25.34 14.20 10.19
C PRO A 433 -25.72 15.24 11.26
N GLU A 434 -24.72 15.90 11.83
CA GLU A 434 -24.92 16.87 12.91
C GLU A 434 -25.62 18.11 12.35
N ASN A 435 -24.99 18.73 11.34
CA ASN A 435 -25.50 19.94 10.69
C ASN A 435 -26.42 19.53 9.54
N GLY A 436 -27.56 20.23 9.41
CA GLY A 436 -28.53 19.98 8.35
C GLY A 436 -29.95 19.82 8.88
N TYR A 437 -30.83 19.26 8.06
CA TYR A 437 -32.27 19.16 8.36
C TYR A 437 -32.85 17.82 7.91
N GLY A 438 -32.00 16.80 7.70
CA GLY A 438 -32.45 15.54 7.09
C GLY A 438 -31.65 14.33 7.53
N HIS A 439 -32.30 13.16 7.49
CA HIS A 439 -31.68 11.87 7.75
C HIS A 439 -30.86 11.42 6.52
N TRP A 440 -29.92 10.51 6.75
CA TRP A 440 -29.09 9.94 5.69
C TRP A 440 -29.97 9.17 4.70
N ILE A 441 -30.86 8.32 5.22
CA ILE A 441 -31.73 7.46 4.41
C ILE A 441 -33.14 8.07 4.36
N ALA A 442 -33.63 8.27 3.14
CA ALA A 442 -34.95 8.84 2.87
C ALA A 442 -35.73 7.91 1.94
N SER A 443 -37.03 8.20 1.79
CA SER A 443 -37.94 7.45 0.93
C SER A 443 -38.38 8.30 -0.29
N THR A 444 -37.77 9.47 -0.46
CA THR A 444 -38.09 10.40 -1.55
C THR A 444 -36.80 11.05 -2.08
#